data_8JZ2
#
_entry.id   8JZ2
#
_cell.length_a   60.475
_cell.length_b   74.963
_cell.length_c   143.099
_cell.angle_alpha   90.00
_cell.angle_beta   90.00
_cell.angle_gamma   90.00
#
_symmetry.space_group_name_H-M   'P 21 21 21'
#
loop_
_entity.id
_entity.type
_entity.pdbx_description
1 polymer AetF
2 non-polymer 'FLAVIN-ADENINE DINUCLEOTIDE'
3 water water
#
_entity_poly.entity_id   1
_entity_poly.type   'polypeptide(L)'
_entity_poly.pdbx_seq_one_letter_code
;GAGAGAGAGAGMLEVCIIGFGFSAIPLVRELARTQTEFQIISAESGSVWDRLSESGRLDFSLVSSFQTSFYSFDLVRDYE
KDYYPTAKQFYEMHERWRSVYEEKIIRDFVTKIENFKDYSLISTRSGKTYEAKHVVLATGFDRLMNTFLSNFDNHVSNKT
FVFDTMGDSANLLIAKLIPNNNKIILRTNGFTALDQEVQVLGKPFTLDQLESPNFRYVSSELYDRLMMSPVYPRTVNPAV
SYNQFPLIRRDFSWVDSKSSPPNGLIAIKYWPIDQYYYHFNDDLENYISKGYLLNDIAMWLHTGKVILVPSDTPINFDKK
TITYAGIERSFHQYVKGDAEQPRLPTILINGETPFEYLYRDTFMGVIPQRLNNIYFLGYTRPFTGGLANITEMQSLFIHK
LITQPQFHQKIHQNLSKRITAYNQHYYGAAKPRKHDHTVPFGFYTEDIARLIGIHYQPNECRSVRDLLFYYAFPNNAFKY
RLKGEYAVDGVDELIQKVNDKHDHYAQVFVQALSIRNMNSDEAAEWDHSARRFSFNDMRHKEGYRAFLDTYLKAYRQVEN
ISVDDTVVDEEWNFMVKEACQVRDKVAPNIEEKTHYSKDEDVNKGIRLILSILDSDISSLPDSNGSRGSGNLKEGDRLCK
FEAQSIEFIRRLLQPKNYELLFIRESTVSPGSHRHGETA
;
_entity_poly.pdbx_strand_id   A
#
# COMPACT_ATOMS: atom_id res chain seq x y z
N MET A 12 38.62 -4.82 -8.31
CA MET A 12 37.47 -3.85 -8.53
C MET A 12 36.27 -4.26 -7.66
N LEU A 13 35.74 -3.36 -6.81
CA LEU A 13 34.54 -3.62 -5.95
C LEU A 13 33.38 -4.19 -6.79
N GLU A 14 32.84 -5.35 -6.42
CA GLU A 14 31.75 -6.00 -7.19
C GLU A 14 30.45 -5.19 -7.06
N VAL A 15 30.08 -4.80 -5.83
CA VAL A 15 28.78 -4.13 -5.59
C VAL A 15 28.95 -2.94 -4.66
N CYS A 16 28.37 -1.81 -5.06
CA CYS A 16 28.17 -0.66 -4.15
C CYS A 16 26.68 -0.37 -4.02
N ILE A 17 26.22 -0.35 -2.78
CA ILE A 17 24.81 -0.03 -2.46
C ILE A 17 24.81 1.39 -1.89
N ILE A 18 24.06 2.28 -2.51
CA ILE A 18 23.99 3.71 -2.12
C ILE A 18 22.67 3.92 -1.41
N GLY A 19 22.74 4.23 -0.11
CA GLY A 19 21.55 4.46 0.71
C GLY A 19 21.16 3.21 1.47
N PHE A 20 21.01 3.32 2.79
CA PHE A 20 20.70 2.15 3.63
C PHE A 20 19.72 2.60 4.68
N GLY A 21 18.47 2.21 4.51
CA GLY A 21 17.47 2.46 5.54
C GLY A 21 16.66 1.22 5.75
N PHE A 22 15.73 0.98 4.84
CA PHE A 22 14.78 -0.16 4.95
C PHE A 22 14.88 -1.02 3.68
N SER A 23 14.82 -0.41 2.48
CA SER A 23 14.71 -1.10 1.16
C SER A 23 15.92 -2.02 0.89
N ALA A 24 17.13 -1.62 1.32
CA ALA A 24 18.40 -2.30 0.97
C ALA A 24 18.56 -3.59 1.81
N ILE A 25 17.80 -3.74 2.90
CA ILE A 25 18.10 -4.80 3.92
C ILE A 25 18.11 -6.19 3.28
N PRO A 26 17.05 -6.63 2.57
CA PRO A 26 17.04 -7.98 2.03
C PRO A 26 18.10 -8.23 0.95
N LEU A 27 18.56 -7.17 0.26
CA LEU A 27 19.58 -7.35 -0.80
C LEU A 27 20.92 -7.60 -0.11
N VAL A 28 21.24 -6.80 0.89
CA VAL A 28 22.49 -6.94 1.67
C VAL A 28 22.49 -8.34 2.29
N ARG A 29 21.36 -8.81 2.78
CA ARG A 29 21.22 -10.18 3.35
C ARG A 29 21.64 -11.22 2.29
N GLU A 30 21.11 -11.16 1.08
CA GLU A 30 21.44 -12.15 0.02
C GLU A 30 22.89 -12.00 -0.46
N LEU A 31 23.41 -10.79 -0.59
CA LEU A 31 24.83 -10.60 -1.01
C LEU A 31 25.77 -11.22 0.04
N ALA A 32 25.50 -11.00 1.33
CA ALA A 32 26.30 -11.57 2.44
C ALA A 32 26.23 -13.10 2.34
N ARG A 33 25.06 -13.67 2.08
CA ARG A 33 24.88 -15.14 2.00
C ARG A 33 25.73 -15.74 0.87
N THR A 34 25.77 -15.12 -0.31
CA THR A 34 26.57 -15.64 -1.45
C THR A 34 28.03 -15.17 -1.36
N GLN A 35 28.43 -14.52 -0.24
CA GLN A 35 29.74 -13.89 -0.01
C GLN A 35 30.15 -13.05 -1.22
N THR A 36 29.21 -12.28 -1.79
CA THR A 36 29.50 -11.33 -2.88
C THR A 36 30.12 -10.08 -2.23
N GLU A 37 31.24 -9.61 -2.77
CA GLU A 37 31.92 -8.39 -2.27
C GLU A 37 30.98 -7.18 -2.41
N PHE A 38 30.69 -6.45 -1.34
CA PHE A 38 29.84 -5.24 -1.41
C PHE A 38 30.36 -4.22 -0.40
N GLN A 39 30.08 -2.96 -0.68
CA GLN A 39 30.27 -1.82 0.22
C GLN A 39 28.96 -1.03 0.19
N ILE A 40 28.53 -0.52 1.33
CA ILE A 40 27.34 0.35 1.42
C ILE A 40 27.87 1.76 1.66
N ILE A 41 27.32 2.75 0.97
CA ILE A 41 27.56 4.18 1.28
C ILE A 41 26.23 4.77 1.70
N SER A 42 26.13 5.37 2.88
CA SER A 42 24.84 5.96 3.30
C SER A 42 25.10 7.16 4.22
N ALA A 43 24.31 8.21 4.02
CA ALA A 43 24.45 9.56 4.61
C ALA A 43 24.49 9.49 6.14
N GLU A 44 25.39 10.23 6.78
CA GLU A 44 25.43 10.37 8.26
C GLU A 44 24.05 10.78 8.78
N SER A 45 23.33 11.63 8.04
CA SER A 45 22.07 12.28 8.48
C SER A 45 20.93 11.25 8.61
N GLY A 46 21.03 10.08 7.98
CA GLY A 46 19.94 9.08 7.94
C GLY A 46 18.68 9.63 7.28
N SER A 47 17.50 9.22 7.79
CA SER A 47 16.17 9.39 7.13
C SER A 47 15.22 10.20 8.01
N VAL A 48 14.05 10.47 7.45
CA VAL A 48 12.88 11.03 8.18
C VAL A 48 12.67 10.27 9.49
N TRP A 49 12.84 8.95 9.50
CA TRP A 49 12.62 8.13 10.73
C TRP A 49 13.57 8.61 11.84
N ASP A 50 14.78 9.03 11.49
CA ASP A 50 15.78 9.56 12.45
C ASP A 50 15.29 10.95 12.91
N ARG A 51 14.72 11.76 12.02
CA ARG A 51 14.17 13.10 12.38
C ARG A 51 13.02 12.87 13.39
N LEU A 52 12.18 11.88 13.11
CA LEU A 52 11.00 11.57 13.95
C LEU A 52 11.44 11.02 15.31
N SER A 53 12.40 10.10 15.35
CA SER A 53 12.98 9.52 16.59
C SER A 53 13.58 10.63 17.47
N GLU A 54 14.39 11.50 16.88
CA GLU A 54 15.17 12.53 17.61
C GLU A 54 14.24 13.52 18.30
N SER A 55 13.07 13.79 17.71
CA SER A 55 12.13 14.84 18.13
C SER A 55 10.93 14.24 18.90
N GLY A 56 10.98 12.96 19.26
CA GLY A 56 9.89 12.19 19.89
C GLY A 56 8.58 12.21 19.11
N ARG A 57 8.60 12.02 17.79
CA ARG A 57 7.35 12.00 16.97
C ARG A 57 7.15 10.64 16.28
N LEU A 58 7.73 9.58 16.83
CA LEU A 58 7.38 8.17 16.46
C LEU A 58 6.15 7.76 17.28
N ASP A 59 5.06 8.49 17.14
CA ASP A 59 3.84 8.38 17.99
C ASP A 59 2.66 8.02 17.10
N PHE A 60 2.89 7.26 16.01
CA PHE A 60 1.84 6.88 15.04
C PHE A 60 2.07 5.42 14.64
N SER A 61 1.21 4.85 13.79
CA SER A 61 1.31 3.42 13.41
C SER A 61 1.31 3.30 11.88
N LEU A 62 1.76 2.15 11.36
CA LEU A 62 1.74 1.90 9.90
C LEU A 62 0.29 1.73 9.43
N VAL A 63 0.05 2.00 8.16
CA VAL A 63 -1.26 1.76 7.48
C VAL A 63 -1.22 0.41 6.79
N SER A 64 -0.23 -0.43 7.11
CA SER A 64 0.02 -1.74 6.47
C SER A 64 0.25 -2.80 7.55
N SER A 65 -0.16 -4.02 7.25
CA SER A 65 -0.14 -5.16 8.18
C SER A 65 1.31 -5.63 8.40
N PHE A 66 1.53 -6.24 9.55
CA PHE A 66 2.80 -6.89 9.89
C PHE A 66 3.31 -7.76 8.73
N GLN A 67 2.47 -8.64 8.23
CA GLN A 67 2.81 -9.67 7.21
C GLN A 67 3.27 -9.05 5.89
N THR A 68 2.89 -7.79 5.61
CA THR A 68 3.28 -7.12 4.35
C THR A 68 4.35 -6.07 4.60
N SER A 69 4.76 -5.84 5.86
CA SER A 69 5.54 -4.62 6.23
C SER A 69 6.92 -4.95 6.81
N PHE A 70 7.09 -6.17 7.29
CA PHE A 70 8.36 -6.72 7.79
C PHE A 70 8.80 -7.84 6.85
N TYR A 71 10.09 -8.08 6.76
CA TYR A 71 10.66 -9.10 5.85
C TYR A 71 10.46 -10.51 6.40
N SER A 72 10.45 -11.47 5.47
CA SER A 72 10.21 -12.91 5.72
C SER A 72 11.11 -13.38 6.87
N PHE A 73 12.36 -12.95 6.91
CA PHE A 73 13.35 -13.46 7.89
C PHE A 73 13.11 -12.86 9.29
N ASP A 74 12.29 -11.81 9.42
CA ASP A 74 11.79 -11.37 10.75
C ASP A 74 10.45 -12.05 11.06
N LEU A 75 9.58 -12.20 10.07
CA LEU A 75 8.23 -12.79 10.27
C LEU A 75 8.34 -14.23 10.76
N VAL A 76 9.26 -15.04 10.21
CA VAL A 76 9.42 -16.47 10.63
C VAL A 76 9.71 -16.55 12.13
N ARG A 77 10.31 -15.52 12.73
CA ARG A 77 10.67 -15.47 14.16
C ARG A 77 9.53 -14.89 14.97
N ASP A 78 8.93 -13.80 14.49
CA ASP A 78 8.15 -12.84 15.31
C ASP A 78 6.65 -12.85 14.97
N TYR A 79 6.18 -13.50 13.91
CA TYR A 79 4.73 -13.58 13.63
C TYR A 79 4.04 -14.55 14.60
N GLU A 80 3.06 -14.04 15.37
CA GLU A 80 2.10 -14.82 16.22
C GLU A 80 0.65 -14.53 15.78
N LYS A 81 0.35 -13.29 15.38
CA LYS A 81 -1.00 -12.86 14.97
C LYS A 81 -0.88 -11.66 14.02
N ASP A 82 -1.91 -11.41 13.22
CA ASP A 82 -2.00 -10.17 12.39
C ASP A 82 -2.09 -8.96 13.31
N TYR A 83 -1.29 -7.93 13.05
CA TYR A 83 -1.49 -6.61 13.67
C TYR A 83 -0.83 -5.53 12.81
N TYR A 84 -1.12 -4.29 13.15
CA TYR A 84 -0.54 -3.10 12.50
C TYR A 84 0.64 -2.65 13.37
N PRO A 85 1.89 -2.72 12.87
CA PRO A 85 3.04 -2.26 13.66
C PRO A 85 2.97 -0.75 13.95
N THR A 86 3.55 -0.34 15.06
CA THR A 86 3.79 1.09 15.35
C THR A 86 4.95 1.65 14.53
N ALA A 87 5.02 2.97 14.42
CA ALA A 87 6.18 3.69 13.86
C ALA A 87 7.44 3.34 14.66
N LYS A 88 7.32 3.29 15.97
CA LYS A 88 8.43 2.95 16.88
C LYS A 88 8.98 1.57 16.51
N GLN A 89 8.07 0.58 16.35
CA GLN A 89 8.45 -0.80 15.99
C GLN A 89 9.11 -0.85 14.63
N PHE A 90 8.55 -0.16 13.62
CA PHE A 90 9.16 -0.08 12.25
C PHE A 90 10.60 0.48 12.37
N TYR A 91 10.79 1.61 13.03
CA TYR A 91 12.12 2.23 13.22
C TYR A 91 13.09 1.33 13.99
N GLU A 92 12.63 0.71 15.07
CA GLU A 92 13.50 -0.19 15.88
C GLU A 92 14.01 -1.32 14.99
N MET A 93 13.17 -1.80 14.07
CA MET A 93 13.58 -2.86 13.11
C MET A 93 14.62 -2.30 12.12
N HIS A 94 14.44 -1.10 11.57
CA HIS A 94 15.51 -0.48 10.72
C HIS A 94 16.84 -0.45 11.51
N GLU A 95 16.79 0.02 12.75
CA GLU A 95 18.00 0.26 13.59
C GLU A 95 18.69 -1.07 13.88
N ARG A 96 17.90 -2.10 14.18
CA ARG A 96 18.39 -3.48 14.43
C ARG A 96 19.19 -3.96 13.20
N TRP A 97 18.67 -3.79 11.99
CA TRP A 97 19.39 -4.27 10.79
C TRP A 97 20.57 -3.34 10.50
N ARG A 98 20.44 -2.04 10.79
CA ARG A 98 21.53 -1.07 10.59
C ARG A 98 22.72 -1.52 11.45
N SER A 99 22.45 -1.93 12.70
CA SER A 99 23.48 -2.40 13.66
C SER A 99 24.19 -3.62 13.11
N VAL A 100 23.46 -4.54 12.51
CA VAL A 100 24.06 -5.78 11.93
C VAL A 100 25.06 -5.40 10.84
N TYR A 101 24.75 -4.42 9.98
CA TYR A 101 25.56 -4.16 8.76
C TYR A 101 26.44 -2.91 8.90
N GLU A 102 26.44 -2.21 10.05
CA GLU A 102 27.08 -0.87 10.21
C GLU A 102 28.55 -0.94 9.80
N GLU A 103 29.22 -2.06 10.04
CA GLU A 103 30.69 -2.17 9.72
C GLU A 103 30.89 -2.14 8.19
N LYS A 104 29.85 -2.44 7.41
CA LYS A 104 29.92 -2.46 5.92
C LYS A 104 29.42 -1.12 5.36
N ILE A 105 29.08 -0.16 6.24
CA ILE A 105 28.52 1.14 5.79
C ILE A 105 29.61 2.21 5.94
N ILE A 106 29.95 2.83 4.82
CA ILE A 106 30.74 4.08 4.77
C ILE A 106 29.74 5.22 4.95
N ARG A 107 29.95 6.09 5.95
CA ARG A 107 29.05 7.23 6.21
C ARG A 107 29.52 8.39 5.34
N ASP A 108 28.82 8.62 4.23
CA ASP A 108 29.12 9.71 3.28
C ASP A 108 27.91 9.83 2.37
N PHE A 109 27.95 10.83 1.51
CA PHE A 109 26.82 11.21 0.64
C PHE A 109 27.31 11.23 -0.80
N VAL A 110 26.66 10.43 -1.63
CA VAL A 110 26.98 10.35 -3.07
C VAL A 110 26.36 11.54 -3.83
N THR A 111 27.20 12.30 -4.52
CA THR A 111 26.86 13.53 -5.26
C THR A 111 26.71 13.20 -6.74
N LYS A 112 27.41 12.18 -7.22
CA LYS A 112 27.50 11.93 -8.67
C LYS A 112 27.90 10.47 -8.90
N ILE A 113 27.38 9.92 -9.98
CA ILE A 113 27.74 8.56 -10.49
C ILE A 113 28.05 8.71 -11.97
N GLU A 114 29.23 8.30 -12.38
CA GLU A 114 29.57 8.29 -13.82
C GLU A 114 29.58 6.83 -14.26
N ASN A 115 28.68 6.51 -15.17
CA ASN A 115 28.47 5.12 -15.61
C ASN A 115 29.22 4.85 -16.93
N PHE A 116 30.00 3.80 -16.96
CA PHE A 116 30.84 3.35 -18.11
C PHE A 116 30.36 1.94 -18.50
N LYS A 117 31.02 1.24 -19.44
CA LYS A 117 30.42 0.03 -20.08
C LYS A 117 30.28 -1.10 -19.05
N ASP A 118 31.20 -1.28 -18.12
CA ASP A 118 31.15 -2.41 -17.15
C ASP A 118 31.55 -1.94 -15.72
N TYR A 119 31.57 -0.64 -15.42
CA TYR A 119 31.70 -0.14 -14.02
C TYR A 119 31.13 1.29 -13.91
N SER A 120 30.99 1.75 -12.67
CA SER A 120 30.65 3.15 -12.38
C SER A 120 31.72 3.77 -11.47
N LEU A 121 31.90 5.07 -11.64
CA LEU A 121 32.72 5.93 -10.76
C LEU A 121 31.75 6.71 -9.86
N ILE A 122 31.95 6.57 -8.57
CA ILE A 122 31.05 7.16 -7.57
C ILE A 122 31.81 8.26 -6.87
N SER A 123 31.23 9.47 -6.87
CA SER A 123 31.78 10.67 -6.24
C SER A 123 30.97 10.98 -4.98
N THR A 124 31.63 11.53 -3.97
CA THR A 124 31.02 11.80 -2.64
C THR A 124 31.27 13.25 -2.23
N ARG A 125 30.51 13.71 -1.24
CA ARG A 125 30.69 15.02 -0.60
C ARG A 125 32.07 15.16 0.05
N SER A 126 32.62 14.10 0.60
CA SER A 126 33.94 14.14 1.30
C SER A 126 35.07 14.38 0.30
N GLY A 127 34.85 13.90 -0.93
CA GLY A 127 35.83 13.90 -2.03
C GLY A 127 36.34 12.51 -2.37
N LYS A 128 36.15 11.53 -1.50
CA LYS A 128 36.54 10.12 -1.75
C LYS A 128 35.76 9.60 -2.96
N THR A 129 36.40 8.88 -3.86
CA THR A 129 35.70 8.29 -5.03
C THR A 129 35.76 6.76 -4.90
N TYR A 130 34.83 6.10 -5.55
CA TYR A 130 34.70 4.63 -5.51
C TYR A 130 34.45 4.16 -6.93
N GLU A 131 35.04 3.02 -7.27
CA GLU A 131 34.72 2.28 -8.51
C GLU A 131 33.97 1.00 -8.12
N ALA A 132 32.85 0.75 -8.75
CA ALA A 132 32.10 -0.52 -8.54
C ALA A 132 31.56 -1.05 -9.86
N LYS A 133 31.53 -2.37 -10.00
CA LYS A 133 31.00 -3.00 -11.22
C LYS A 133 29.48 -2.82 -11.26
N HIS A 134 28.79 -3.12 -10.15
CA HIS A 134 27.33 -3.02 -10.02
C HIS A 134 26.98 -1.99 -8.94
N VAL A 135 26.05 -1.11 -9.24
CA VAL A 135 25.62 -0.04 -8.28
C VAL A 135 24.13 -0.17 -8.07
N VAL A 136 23.72 -0.18 -6.80
CA VAL A 136 22.31 -0.26 -6.44
C VAL A 136 21.98 1.05 -5.71
N LEU A 137 20.96 1.75 -6.17
CA LEU A 137 20.44 2.98 -5.50
C LEU A 137 19.24 2.57 -4.64
N ALA A 138 19.32 2.82 -3.34
CA ALA A 138 18.24 2.55 -2.37
C ALA A 138 18.06 3.78 -1.48
N THR A 139 17.87 4.93 -2.10
CA THR A 139 18.00 6.25 -1.42
C THR A 139 16.66 6.82 -1.02
N GLY A 140 15.56 6.16 -1.36
CA GLY A 140 14.19 6.60 -1.02
C GLY A 140 13.78 7.86 -1.80
N PHE A 141 12.84 8.61 -1.21
CA PHE A 141 12.16 9.76 -1.84
C PHE A 141 12.33 11.01 -0.96
N ASP A 142 12.40 12.16 -1.61
CA ASP A 142 12.05 13.46 -0.99
C ASP A 142 10.52 13.59 -1.02
N ARG A 143 9.90 13.86 0.13
CA ARG A 143 8.44 14.08 0.28
C ARG A 143 8.22 15.44 0.95
N LEU A 144 7.47 16.32 0.29
CA LEU A 144 7.17 17.69 0.79
C LEU A 144 6.58 17.59 2.20
N MET A 145 5.67 16.64 2.40
CA MET A 145 4.84 16.51 3.62
C MET A 145 5.69 16.15 4.84
N ASN A 146 6.93 15.68 4.67
CA ASN A 146 7.71 15.18 5.84
C ASN A 146 7.91 16.34 6.86
N THR A 147 8.02 17.59 6.40
CA THR A 147 8.26 18.76 7.27
C THR A 147 7.08 18.91 8.23
N PHE A 148 5.87 18.70 7.71
CA PHE A 148 4.65 18.85 8.52
C PHE A 148 4.70 17.87 9.67
N LEU A 149 5.11 16.64 9.38
CA LEU A 149 5.07 15.57 10.39
C LEU A 149 6.24 15.74 11.35
N SER A 150 7.44 16.00 10.86
CA SER A 150 8.66 16.00 11.73
C SER A 150 8.73 17.29 12.56
N ASN A 151 8.10 18.36 12.08
CA ASN A 151 8.15 19.69 12.71
C ASN A 151 6.73 20.09 13.16
N PHE A 152 5.86 19.09 13.40
CA PHE A 152 4.40 19.24 13.71
C PHE A 152 4.19 19.96 15.04
N ASP A 153 3.43 21.08 15.08
CA ASP A 153 3.03 21.78 16.34
C ASP A 153 1.63 21.31 16.77
N ASN A 154 1.50 20.79 17.99
CA ASN A 154 0.24 20.17 18.51
C ASN A 154 -0.53 21.18 19.35
N HIS A 155 0.13 22.20 19.90
CA HIS A 155 -0.53 23.29 20.67
C HIS A 155 -1.27 24.23 19.73
N VAL A 156 -1.53 23.80 18.49
CA VAL A 156 -2.46 24.52 17.58
C VAL A 156 -3.85 23.95 17.87
N SER A 157 -4.81 24.83 18.18
CA SER A 157 -6.23 24.46 18.47
C SER A 157 -7.17 25.46 17.80
N ASN A 158 -8.36 25.03 17.42
CA ASN A 158 -9.47 25.92 16.93
C ASN A 158 -9.02 26.71 15.71
N LYS A 159 -8.08 26.18 14.93
CA LYS A 159 -7.66 26.78 13.65
C LYS A 159 -8.32 26.00 12.53
N THR A 160 -8.34 26.60 11.35
CA THR A 160 -8.84 26.00 10.11
C THR A 160 -7.65 25.65 9.21
N PHE A 161 -7.61 24.41 8.68
CA PHE A 161 -6.61 23.97 7.68
C PHE A 161 -7.31 23.62 6.37
N VAL A 162 -6.64 23.94 5.27
CA VAL A 162 -7.08 23.60 3.91
C VAL A 162 -6.04 22.70 3.26
N PHE A 163 -6.46 21.50 2.87
CA PHE A 163 -5.61 20.55 2.10
C PHE A 163 -6.06 20.49 0.65
N ASP A 164 -5.13 20.51 -0.30
CA ASP A 164 -5.51 20.41 -1.73
C ASP A 164 -5.28 18.97 -2.24
N THR A 165 -4.72 18.10 -1.42
CA THR A 165 -4.55 16.67 -1.78
C THR A 165 -4.82 15.82 -0.54
N MET A 166 -5.53 14.71 -0.73
CA MET A 166 -5.77 13.71 0.34
C MET A 166 -4.83 12.53 0.10
N GLY A 167 -3.93 12.27 1.05
CA GLY A 167 -2.99 11.13 1.02
C GLY A 167 -2.80 10.58 2.42
N ASP A 168 -1.98 9.54 2.57
CA ASP A 168 -1.78 8.89 3.88
C ASP A 168 -1.15 9.96 4.79
N SER A 169 -0.27 10.82 4.26
CA SER A 169 0.39 11.88 5.06
C SER A 169 -0.62 12.91 5.54
N ALA A 170 -1.49 13.39 4.64
CA ALA A 170 -2.60 14.30 5.02
C ALA A 170 -3.46 13.62 6.09
N ASN A 171 -3.77 12.31 5.90
CA ASN A 171 -4.70 11.60 6.83
C ASN A 171 -4.09 11.49 8.23
N LEU A 172 -2.76 11.30 8.33
CA LEU A 172 -2.09 11.27 9.64
C LEU A 172 -2.15 12.66 10.27
N LEU A 173 -1.86 13.72 9.49
CA LEU A 173 -1.87 15.11 10.02
C LEU A 173 -3.27 15.38 10.59
N ILE A 174 -4.28 15.05 9.79
CA ILE A 174 -5.73 15.24 10.15
C ILE A 174 -6.02 14.49 11.46
N ALA A 175 -5.56 13.25 11.61
CA ALA A 175 -5.80 12.47 12.84
C ALA A 175 -5.26 13.23 14.05
N LYS A 176 -4.16 13.98 13.86
CA LYS A 176 -3.44 14.70 14.95
C LYS A 176 -4.10 16.05 15.21
N LEU A 177 -4.74 16.65 14.22
CA LEU A 177 -5.34 18.00 14.29
C LEU A 177 -6.74 17.97 14.90
N ILE A 178 -7.56 16.99 14.52
CA ILE A 178 -9.00 16.96 14.87
C ILE A 178 -9.17 16.94 16.38
N PRO A 179 -8.38 16.19 17.18
CA PRO A 179 -8.54 16.23 18.63
C PRO A 179 -8.40 17.63 19.27
N ASN A 180 -7.69 18.59 18.66
CA ASN A 180 -7.59 19.98 19.18
C ASN A 180 -8.62 20.90 18.51
N ASN A 181 -9.72 20.33 18.00
CA ASN A 181 -10.87 21.06 17.43
C ASN A 181 -10.37 21.97 16.31
N ASN A 182 -9.33 21.54 15.62
CA ASN A 182 -9.02 22.13 14.30
C ASN A 182 -10.04 21.63 13.30
N LYS A 183 -10.52 22.55 12.49
CA LYS A 183 -11.46 22.31 11.39
C LYS A 183 -10.64 22.04 10.15
N ILE A 184 -11.09 21.11 9.31
CA ILE A 184 -10.33 20.60 8.14
C ILE A 184 -11.20 20.75 6.91
N ILE A 185 -10.70 21.47 5.92
CA ILE A 185 -11.35 21.58 4.59
C ILE A 185 -10.47 20.86 3.58
N LEU A 186 -11.07 19.93 2.84
CA LEU A 186 -10.44 19.25 1.68
C LEU A 186 -10.97 19.91 0.42
N ARG A 187 -10.09 20.61 -0.29
CA ARG A 187 -10.40 21.31 -1.56
C ARG A 187 -9.74 20.52 -2.66
N THR A 188 -10.32 19.38 -3.02
CA THR A 188 -9.60 18.33 -3.77
C THR A 188 -10.41 17.84 -4.96
N ASN A 189 -9.77 17.00 -5.79
CA ASN A 189 -10.37 16.34 -6.98
C ASN A 189 -10.82 14.92 -6.60
N GLY A 190 -11.14 14.67 -5.32
CA GLY A 190 -11.62 13.37 -4.84
C GLY A 190 -10.46 12.50 -4.36
N PHE A 191 -10.77 11.34 -3.76
CA PHE A 191 -9.74 10.39 -3.30
C PHE A 191 -10.36 9.03 -3.06
N THR A 192 -9.51 8.00 -3.08
CA THR A 192 -9.87 6.60 -2.80
C THR A 192 -9.38 6.26 -1.40
N ALA A 193 -10.28 6.15 -0.45
CA ALA A 193 -9.97 5.74 0.94
C ALA A 193 -10.59 4.36 1.14
N LEU A 194 -9.90 3.50 1.89
CA LEU A 194 -10.26 2.07 2.10
C LEU A 194 -9.97 1.72 3.56
N ASP A 195 -10.98 1.23 4.25
CA ASP A 195 -10.89 0.54 5.57
C ASP A 195 -9.67 -0.39 5.53
N GLN A 196 -8.76 -0.23 6.49
CA GLN A 196 -7.51 -1.03 6.46
C GLN A 196 -7.81 -2.43 6.98
N GLU A 197 -8.95 -2.58 7.64
CA GLU A 197 -9.34 -3.83 8.30
C GLU A 197 -10.84 -4.01 8.13
N VAL A 198 -11.26 -5.26 8.01
CA VAL A 198 -12.62 -5.67 7.60
C VAL A 198 -12.96 -6.87 8.48
N GLN A 199 -14.22 -6.98 8.89
CA GLN A 199 -14.72 -8.10 9.71
C GLN A 199 -15.41 -9.03 8.71
N VAL A 200 -14.87 -10.24 8.55
CA VAL A 200 -15.41 -11.28 7.63
C VAL A 200 -15.99 -12.40 8.52
N LEU A 201 -17.33 -12.50 8.53
CA LEU A 201 -18.13 -13.24 9.55
C LEU A 201 -17.44 -13.10 10.91
N GLY A 202 -17.47 -11.89 11.48
CA GLY A 202 -16.89 -11.60 12.82
C GLY A 202 -15.51 -12.23 12.99
N LYS A 203 -14.53 -11.82 12.19
CA LYS A 203 -13.11 -12.26 12.29
C LYS A 203 -12.23 -11.37 11.42
N PRO A 204 -11.19 -10.70 11.97
CA PRO A 204 -10.53 -9.59 11.29
C PRO A 204 -9.60 -10.01 10.15
N PHE A 205 -9.74 -9.35 9.00
CA PHE A 205 -8.84 -9.44 7.83
C PHE A 205 -8.38 -8.03 7.46
N THR A 206 -7.07 -7.86 7.29
CA THR A 206 -6.48 -6.65 6.67
C THR A 206 -6.91 -6.66 5.20
N LEU A 207 -7.12 -5.49 4.60
CA LEU A 207 -7.62 -5.39 3.20
C LEU A 207 -6.70 -6.11 2.19
N ASP A 208 -5.40 -6.14 2.42
CA ASP A 208 -4.42 -6.77 1.48
C ASP A 208 -4.64 -8.29 1.47
N GLN A 209 -5.20 -8.84 2.54
CA GLN A 209 -5.48 -10.29 2.62
C GLN A 209 -6.67 -10.70 1.74
N LEU A 210 -7.50 -9.77 1.28
CA LEU A 210 -8.75 -10.09 0.52
C LEU A 210 -8.55 -9.97 -0.99
N GLU A 211 -7.33 -9.79 -1.51
CA GLU A 211 -7.17 -9.33 -2.91
C GLU A 211 -7.04 -10.53 -3.86
N SER A 212 -6.69 -11.72 -3.39
CA SER A 212 -6.59 -12.96 -4.24
C SER A 212 -6.20 -12.63 -5.67
N PRO A 213 -5.02 -12.02 -5.88
CA PRO A 213 -4.65 -11.47 -7.17
C PRO A 213 -4.50 -12.47 -8.32
N ASN A 214 -4.17 -13.72 -8.02
CA ASN A 214 -3.90 -14.69 -9.11
C ASN A 214 -5.22 -15.05 -9.81
N PHE A 215 -6.38 -14.65 -9.28
CA PHE A 215 -7.67 -14.72 -10.03
C PHE A 215 -7.62 -13.90 -11.31
N ARG A 216 -6.69 -12.95 -11.46
CA ARG A 216 -6.55 -12.19 -12.74
C ARG A 216 -6.28 -13.16 -13.89
N TYR A 217 -5.63 -14.28 -13.58
CA TYR A 217 -5.27 -15.31 -14.59
C TYR A 217 -6.51 -16.09 -15.09
N VAL A 218 -7.60 -16.09 -14.30
CA VAL A 218 -8.89 -16.72 -14.71
C VAL A 218 -9.47 -15.80 -15.80
N SER A 219 -9.67 -14.51 -15.51
CA SER A 219 -9.93 -13.44 -16.51
C SER A 219 -9.78 -12.04 -15.91
N SER A 220 -9.41 -11.06 -16.74
CA SER A 220 -9.48 -9.60 -16.45
C SER A 220 -10.85 -9.20 -15.90
N GLU A 221 -11.90 -9.49 -16.68
CA GLU A 221 -13.32 -9.16 -16.36
C GLU A 221 -13.63 -9.65 -14.95
N LEU A 222 -13.38 -10.94 -14.66
CA LEU A 222 -13.70 -11.52 -13.33
C LEU A 222 -12.97 -10.74 -12.21
N TYR A 223 -11.68 -10.50 -12.35
CA TYR A 223 -10.88 -9.85 -11.28
C TYR A 223 -11.40 -8.42 -11.06
N ASP A 224 -11.67 -7.70 -12.14
CA ASP A 224 -12.29 -6.35 -12.14
C ASP A 224 -13.55 -6.34 -11.26
N ARG A 225 -14.47 -7.30 -11.46
CA ARG A 225 -15.73 -7.39 -10.65
C ARG A 225 -15.40 -7.70 -9.20
N LEU A 226 -14.38 -8.50 -8.97
CA LEU A 226 -13.94 -8.89 -7.62
C LEU A 226 -13.47 -7.67 -6.82
N MET A 227 -12.81 -6.69 -7.46
CA MET A 227 -11.98 -5.70 -6.72
C MET A 227 -12.51 -4.26 -6.80
N MET A 228 -13.14 -3.87 -7.92
CA MET A 228 -13.25 -2.44 -8.30
C MET A 228 -14.52 -1.75 -7.78
N SER A 229 -15.51 -2.45 -7.18
CA SER A 229 -16.79 -1.79 -6.74
C SER A 229 -16.59 -0.79 -5.60
N PRO A 230 -15.61 -0.93 -4.68
CA PRO A 230 -15.37 0.12 -3.68
C PRO A 230 -14.56 1.32 -4.21
N VAL A 231 -13.97 1.22 -5.40
CA VAL A 231 -13.09 2.27 -6.00
C VAL A 231 -13.87 3.09 -7.04
N TYR A 232 -14.45 2.44 -8.05
CA TYR A 232 -15.32 3.08 -9.08
C TYR A 232 -16.75 3.17 -8.54
N PRO A 233 -17.51 4.22 -8.90
CA PRO A 233 -18.87 4.39 -8.37
C PRO A 233 -19.87 3.46 -9.07
N ARG A 234 -19.97 2.24 -8.57
CA ARG A 234 -20.67 1.13 -9.27
C ARG A 234 -21.97 0.76 -8.55
N THR A 235 -22.10 1.01 -7.24
CA THR A 235 -23.34 0.72 -6.48
C THR A 235 -24.09 2.02 -6.21
N VAL A 236 -25.43 1.95 -6.18
CA VAL A 236 -26.32 3.09 -5.80
C VAL A 236 -26.63 2.98 -4.31
N ASN A 237 -26.16 1.92 -3.66
CA ASN A 237 -26.35 1.75 -2.20
C ASN A 237 -26.07 3.09 -1.52
N PRO A 238 -27.08 3.66 -0.81
CA PRO A 238 -26.93 4.95 -0.15
C PRO A 238 -26.09 4.93 1.13
N ALA A 239 -25.64 3.75 1.58
CA ALA A 239 -24.70 3.57 2.73
C ALA A 239 -23.24 3.86 2.34
N VAL A 240 -22.88 3.88 1.05
CA VAL A 240 -21.43 3.98 0.61
C VAL A 240 -21.03 5.46 0.60
N SER A 241 -19.83 5.78 1.07
CA SER A 241 -19.33 7.17 1.23
C SER A 241 -19.39 7.91 -0.11
N TYR A 242 -19.15 7.22 -1.24
CA TYR A 242 -19.09 7.91 -2.55
C TYR A 242 -20.49 8.27 -3.05
N ASN A 243 -21.54 7.82 -2.34
CA ASN A 243 -22.93 8.22 -2.64
C ASN A 243 -23.37 9.32 -1.69
N GLN A 244 -22.95 9.25 -0.42
CA GLN A 244 -23.26 10.27 0.62
C GLN A 244 -22.43 11.53 0.35
N PHE A 245 -21.25 11.41 -0.26
CA PHE A 245 -20.28 12.54 -0.37
C PHE A 245 -19.61 12.46 -1.72
N PRO A 246 -20.35 12.80 -2.81
CA PRO A 246 -19.90 12.55 -4.17
C PRO A 246 -18.65 13.34 -4.61
N LEU A 247 -18.29 14.41 -3.86
CA LEU A 247 -17.03 15.19 -4.09
C LEU A 247 -15.81 14.30 -3.79
N ILE A 248 -16.03 13.12 -3.19
CA ILE A 248 -14.96 12.13 -2.94
C ILE A 248 -14.63 11.36 -4.23
N ARG A 249 -15.48 11.40 -5.26
CA ARG A 249 -15.26 10.61 -6.48
C ARG A 249 -14.17 11.28 -7.33
N ARG A 250 -13.44 10.47 -8.10
CA ARG A 250 -12.24 10.87 -8.85
C ARG A 250 -12.57 10.80 -10.34
N ASP A 251 -11.83 11.54 -11.15
CA ASP A 251 -11.82 11.33 -12.62
C ASP A 251 -10.87 10.16 -12.89
N PHE A 252 -11.40 9.03 -13.36
CA PHE A 252 -10.61 7.82 -13.73
C PHE A 252 -10.58 7.70 -15.25
N SER A 253 -10.87 8.78 -16.00
CA SER A 253 -10.91 8.74 -17.48
C SER A 253 -9.51 8.49 -18.04
N TRP A 254 -8.43 8.71 -17.24
CA TRP A 254 -7.01 8.39 -17.61
C TRP A 254 -6.75 6.88 -17.79
N VAL A 255 -7.45 6.01 -17.07
CA VAL A 255 -7.17 4.54 -17.05
C VAL A 255 -7.35 3.98 -18.48
N ASP A 256 -6.30 3.35 -19.03
CA ASP A 256 -6.32 2.71 -20.37
C ASP A 256 -5.65 1.34 -20.29
N SER A 257 -6.05 0.51 -19.34
CA SER A 257 -5.51 -0.86 -19.17
C SER A 257 -6.68 -1.76 -18.81
N LYS A 258 -6.66 -3.02 -19.25
CA LYS A 258 -7.60 -4.08 -18.81
C LYS A 258 -7.14 -4.68 -17.48
N SER A 259 -5.89 -4.40 -17.04
CA SER A 259 -5.40 -4.79 -15.68
C SER A 259 -6.03 -3.87 -14.63
N SER A 260 -6.93 -4.44 -13.84
CA SER A 260 -7.59 -3.77 -12.69
C SER A 260 -7.09 -4.45 -11.42
N PRO A 261 -6.93 -3.73 -10.29
CA PRO A 261 -6.85 -2.28 -10.27
C PRO A 261 -5.65 -1.80 -11.07
N PRO A 262 -5.71 -0.59 -11.66
CA PRO A 262 -4.66 -0.16 -12.57
C PRO A 262 -3.41 0.32 -11.81
N ASN A 263 -2.23 0.12 -12.42
CA ASN A 263 -0.97 0.79 -12.01
C ASN A 263 -1.27 2.29 -12.02
N GLY A 264 -0.87 2.97 -10.95
CA GLY A 264 -1.04 4.43 -10.84
C GLY A 264 -2.25 4.83 -10.00
N LEU A 265 -3.08 3.89 -9.56
CA LEU A 265 -4.16 4.17 -8.56
C LEU A 265 -3.53 4.19 -7.17
N ILE A 266 -3.79 5.24 -6.39
CA ILE A 266 -3.33 5.37 -4.98
C ILE A 266 -4.57 5.42 -4.09
N ALA A 267 -4.40 5.00 -2.85
CA ALA A 267 -5.47 4.86 -1.84
C ALA A 267 -4.96 5.22 -0.45
N ILE A 268 -5.82 5.83 0.34
CA ILE A 268 -5.65 6.04 1.81
C ILE A 268 -6.17 4.79 2.47
N LYS A 269 -5.39 4.19 3.36
CA LYS A 269 -5.84 3.07 4.22
C LYS A 269 -6.08 3.67 5.61
N TYR A 270 -7.21 3.41 6.24
CA TYR A 270 -7.58 4.07 7.53
C TYR A 270 -8.30 3.08 8.45
N TRP A 271 -8.27 3.33 9.75
CA TRP A 271 -9.02 2.56 10.77
C TRP A 271 -10.48 2.98 10.67
N PRO A 272 -11.43 2.10 10.29
CA PRO A 272 -12.84 2.43 10.48
C PRO A 272 -13.07 2.41 12.00
N ILE A 273 -13.91 3.32 12.50
CA ILE A 273 -14.04 3.49 13.98
C ILE A 273 -14.56 2.20 14.64
N ASP A 274 -15.33 1.38 13.93
CA ASP A 274 -15.87 0.12 14.53
C ASP A 274 -14.74 -0.88 14.81
N GLN A 275 -13.81 -1.05 13.87
CA GLN A 275 -12.62 -1.91 14.08
C GLN A 275 -11.70 -1.29 15.12
N TYR A 276 -11.50 0.03 15.06
CA TYR A 276 -10.67 0.72 16.08
C TYR A 276 -11.22 0.39 17.47
N TYR A 277 -12.54 0.48 17.62
CA TYR A 277 -13.20 0.21 18.93
C TYR A 277 -12.95 -1.24 19.35
N TYR A 278 -13.12 -2.17 18.42
CA TYR A 278 -12.91 -3.63 18.63
C TYR A 278 -11.49 -3.90 19.13
N HIS A 279 -10.48 -3.27 18.54
CA HIS A 279 -9.07 -3.50 18.92
C HIS A 279 -8.70 -2.81 20.24
N PHE A 280 -9.19 -1.60 20.48
CA PHE A 280 -8.47 -0.65 21.40
C PHE A 280 -9.38 -0.14 22.53
N ASN A 281 -10.66 -0.49 22.55
CA ASN A 281 -11.62 0.13 23.53
C ASN A 281 -11.20 -0.18 24.98
N ASP A 282 -10.49 -1.28 25.24
CA ASP A 282 -10.27 -1.84 26.61
C ASP A 282 -9.07 -1.20 27.30
N ASP A 283 -8.20 -0.53 26.55
CA ASP A 283 -6.98 0.12 27.12
C ASP A 283 -6.63 1.33 26.25
N LEU A 284 -7.59 2.22 26.08
CA LEU A 284 -7.59 3.29 25.04
C LEU A 284 -6.36 4.20 25.14
N GLU A 285 -6.14 4.83 26.30
CA GLU A 285 -5.06 5.84 26.48
C GLU A 285 -3.70 5.18 26.21
N ASN A 286 -3.53 3.98 26.73
CA ASN A 286 -2.31 3.16 26.51
C ASN A 286 -2.09 2.92 25.00
N TYR A 287 -3.11 2.45 24.28
CA TYR A 287 -3.02 2.22 22.81
C TYR A 287 -2.76 3.53 22.04
N ILE A 288 -3.37 4.65 22.42
CA ILE A 288 -3.10 5.97 21.76
C ILE A 288 -1.62 6.32 22.00
N SER A 289 -1.11 6.16 23.22
CA SER A 289 0.28 6.49 23.61
C SER A 289 1.25 5.63 22.76
N LYS A 290 0.88 4.41 22.38
CA LYS A 290 1.72 3.51 21.55
C LYS A 290 1.74 3.96 20.08
N GLY A 291 0.74 4.74 19.67
CA GLY A 291 0.64 5.29 18.31
C GLY A 291 -0.55 4.78 17.53
N TYR A 292 -1.52 4.10 18.16
CA TYR A 292 -2.77 3.71 17.47
C TYR A 292 -3.74 4.88 17.55
N LEU A 293 -3.76 5.68 16.48
CA LEU A 293 -4.51 6.94 16.36
C LEU A 293 -5.69 6.67 15.45
N LEU A 294 -6.85 7.14 15.85
CA LEU A 294 -8.05 6.98 15.02
C LEU A 294 -7.96 7.98 13.89
N ASN A 295 -8.08 7.50 12.64
CA ASN A 295 -7.86 8.29 11.41
C ASN A 295 -9.00 8.01 10.45
N ASP A 296 -10.19 7.79 10.98
CA ASP A 296 -11.39 7.40 10.18
C ASP A 296 -11.91 8.61 9.43
N ILE A 297 -11.48 8.75 8.18
CA ILE A 297 -11.85 9.90 7.32
C ILE A 297 -13.36 9.87 7.09
N ALA A 298 -13.97 8.68 7.05
CA ALA A 298 -15.43 8.54 6.80
C ALA A 298 -16.19 8.99 8.04
N MET A 299 -15.68 8.74 9.24
CA MET A 299 -16.28 9.26 10.50
C MET A 299 -16.12 10.78 10.51
N TRP A 300 -14.98 11.32 10.07
CA TRP A 300 -14.79 12.79 10.05
C TRP A 300 -15.81 13.45 9.11
N LEU A 301 -16.03 12.89 7.92
CA LEU A 301 -17.04 13.42 6.99
C LEU A 301 -18.44 13.30 7.61
N HIS A 302 -18.76 12.14 8.19
CA HIS A 302 -20.06 11.89 8.88
C HIS A 302 -20.31 12.97 9.92
N THR A 303 -19.32 13.25 10.77
CA THR A 303 -19.46 14.16 11.93
C THR A 303 -19.22 15.61 11.52
N GLY A 304 -18.78 15.87 10.29
CA GLY A 304 -18.42 17.23 9.84
C GLY A 304 -17.11 17.76 10.45
N LYS A 305 -16.24 16.93 11.04
CA LYS A 305 -14.93 17.43 11.53
C LYS A 305 -14.05 17.73 10.31
N VAL A 306 -14.37 17.08 9.19
CA VAL A 306 -13.80 17.36 7.86
C VAL A 306 -14.96 17.68 6.93
N ILE A 307 -14.75 18.62 6.00
CA ILE A 307 -15.69 18.87 4.88
C ILE A 307 -14.95 18.80 3.56
N LEU A 308 -15.65 18.29 2.57
CA LEU A 308 -15.26 18.30 1.16
C LEU A 308 -15.88 19.56 0.55
N VAL A 309 -15.08 20.37 -0.16
CA VAL A 309 -15.63 21.49 -0.98
C VAL A 309 -15.15 21.28 -2.39
N PRO A 310 -15.89 21.83 -3.38
CA PRO A 310 -15.48 21.71 -4.78
C PRO A 310 -14.03 22.21 -4.86
N SER A 311 -13.28 21.72 -5.84
CA SER A 311 -11.83 21.97 -6.00
C SER A 311 -11.56 23.43 -6.36
N ASP A 312 -12.59 24.23 -6.67
CA ASP A 312 -12.42 25.64 -7.08
C ASP A 312 -13.17 26.56 -6.13
N THR A 313 -13.50 26.08 -4.92
CA THR A 313 -14.04 26.97 -3.86
C THR A 313 -13.14 28.20 -3.79
N PRO A 314 -13.72 29.43 -3.74
CA PRO A 314 -12.93 30.65 -3.57
C PRO A 314 -12.01 30.64 -2.33
N ILE A 315 -10.71 30.76 -2.63
CA ILE A 315 -9.56 30.93 -1.68
C ILE A 315 -8.74 32.16 -2.09
N ASN A 316 -8.42 32.99 -1.11
CA ASN A 316 -7.55 34.16 -1.30
C ASN A 316 -6.31 33.92 -0.45
N PHE A 317 -5.17 33.62 -1.09
CA PHE A 317 -3.88 33.33 -0.41
C PHE A 317 -3.33 34.59 0.26
N ASP A 318 -3.68 35.77 -0.25
CA ASP A 318 -3.22 37.06 0.34
C ASP A 318 -3.87 37.27 1.72
N LYS A 319 -5.19 37.16 1.84
CA LYS A 319 -5.91 37.35 3.14
C LYS A 319 -6.04 36.00 3.86
N LYS A 320 -5.66 34.89 3.22
CA LYS A 320 -5.75 33.52 3.82
C LYS A 320 -7.18 33.30 4.30
N THR A 321 -8.11 33.38 3.36
CA THR A 321 -9.55 33.14 3.61
C THR A 321 -10.04 32.15 2.56
N ILE A 322 -10.99 31.30 2.95
CA ILE A 322 -11.72 30.49 1.96
C ILE A 322 -13.19 30.84 2.17
N THR A 323 -13.92 31.00 1.08
CA THR A 323 -15.32 31.50 1.12
C THR A 323 -16.22 30.36 0.65
N TYR A 324 -17.07 29.89 1.55
CA TYR A 324 -17.90 28.70 1.29
C TYR A 324 -19.30 28.96 1.81
N ALA A 325 -20.28 28.80 0.91
CA ALA A 325 -21.60 29.46 0.97
C ALA A 325 -21.34 30.95 1.23
N GLY A 326 -21.73 31.45 2.41
CA GLY A 326 -21.83 32.88 2.70
C GLY A 326 -20.90 33.30 3.82
N ILE A 327 -19.94 32.45 4.17
CA ILE A 327 -18.96 32.73 5.27
C ILE A 327 -17.57 32.77 4.63
N GLU A 328 -16.83 33.88 4.85
CA GLU A 328 -15.42 34.11 4.47
C GLU A 328 -14.55 33.58 5.62
N ARG A 329 -14.05 32.34 5.48
CA ARG A 329 -13.43 31.58 6.59
C ARG A 329 -11.93 31.90 6.55
N SER A 330 -11.43 32.47 7.63
CA SER A 330 -9.97 32.60 7.89
C SER A 330 -9.40 31.18 7.97
N PHE A 331 -8.25 30.92 7.33
CA PHE A 331 -7.54 29.65 7.56
C PHE A 331 -6.12 29.93 8.04
N HIS A 332 -5.68 29.09 8.96
CA HIS A 332 -4.31 29.13 9.54
C HIS A 332 -3.29 28.62 8.53
N GLN A 333 -3.61 27.61 7.70
CA GLN A 333 -2.57 26.98 6.85
C GLN A 333 -3.19 26.22 5.67
N TYR A 334 -2.62 26.44 4.50
CA TYR A 334 -2.89 25.70 3.25
C TYR A 334 -1.81 24.63 3.13
N VAL A 335 -2.20 23.38 2.95
CA VAL A 335 -1.24 22.26 2.78
C VAL A 335 -1.31 21.84 1.31
N LYS A 336 -0.25 22.13 0.54
CA LYS A 336 -0.18 21.80 -0.91
C LYS A 336 0.13 20.30 -1.04
N GLY A 337 -0.36 19.68 -2.11
CA GLY A 337 -0.25 18.23 -2.35
C GLY A 337 1.17 17.72 -2.25
N ASP A 338 1.30 16.49 -1.73
CA ASP A 338 2.58 15.85 -1.32
C ASP A 338 3.25 15.22 -2.55
N ALA A 339 4.03 16.01 -3.27
CA ALA A 339 4.91 15.53 -4.34
C ALA A 339 6.00 14.64 -3.71
N GLU A 340 6.27 13.49 -4.34
CA GLU A 340 7.43 12.64 -4.00
C GLU A 340 8.25 12.38 -5.28
N GLN A 341 9.57 12.50 -5.18
CA GLN A 341 10.46 12.07 -6.30
C GLN A 341 11.66 11.33 -5.72
N PRO A 342 12.16 10.30 -6.43
CA PRO A 342 13.33 9.58 -5.96
C PRO A 342 14.47 10.56 -5.67
N ARG A 343 15.20 10.32 -4.60
CA ARG A 343 16.44 11.03 -4.28
C ARG A 343 17.60 10.43 -5.08
N LEU A 344 17.65 10.66 -6.38
CA LEU A 344 18.76 10.16 -7.20
C LEU A 344 19.88 11.20 -7.28
N PRO A 345 21.13 10.79 -7.10
CA PRO A 345 22.23 11.67 -7.45
C PRO A 345 22.21 11.86 -8.97
N THR A 346 22.98 12.83 -9.44
CA THR A 346 23.33 12.94 -10.89
C THR A 346 23.93 11.63 -11.38
N ILE A 347 23.36 11.09 -12.45
CA ILE A 347 23.94 9.89 -13.13
C ILE A 347 24.32 10.29 -14.56
N LEU A 348 25.59 10.15 -14.90
CA LEU A 348 26.15 10.53 -16.22
C LEU A 348 26.32 9.28 -17.05
N ILE A 349 25.58 9.22 -18.16
CA ILE A 349 25.63 8.11 -19.15
C ILE A 349 26.95 8.22 -19.90
N ASN A 350 27.66 7.11 -20.04
CA ASN A 350 29.03 7.13 -20.62
C ASN A 350 29.84 8.25 -19.93
N GLY A 351 29.49 8.58 -18.68
CA GLY A 351 30.17 9.62 -17.87
C GLY A 351 30.04 11.03 -18.44
N GLU A 352 29.02 11.32 -19.26
CA GLU A 352 28.80 12.67 -19.87
C GLU A 352 27.35 13.12 -19.73
N THR A 353 26.38 12.33 -20.20
CA THR A 353 24.97 12.74 -20.49
C THR A 353 24.08 12.44 -19.28
N PRO A 354 23.49 13.48 -18.65
CA PRO A 354 22.58 13.27 -17.53
C PRO A 354 21.50 12.22 -17.88
N PHE A 355 21.42 11.17 -17.07
CA PHE A 355 20.31 10.21 -17.11
C PHE A 355 19.06 10.97 -16.67
N GLU A 356 17.95 10.73 -17.34
CA GLU A 356 16.65 11.30 -16.91
C GLU A 356 15.80 10.15 -16.38
N TYR A 357 15.37 10.30 -15.13
CA TYR A 357 14.55 9.28 -14.45
C TYR A 357 13.07 9.37 -14.86
N LEU A 358 12.48 8.24 -15.22
CA LEU A 358 11.03 8.09 -15.54
C LEU A 358 10.60 6.67 -15.23
N TYR A 359 9.69 6.47 -14.27
CA TYR A 359 9.37 5.13 -13.75
C TYR A 359 9.13 4.14 -14.87
N ARG A 360 8.21 4.49 -15.78
CA ARG A 360 7.80 3.66 -16.95
C ARG A 360 8.95 3.27 -17.87
N ASP A 361 10.04 4.05 -17.91
CA ASP A 361 11.21 3.74 -18.76
C ASP A 361 12.20 2.82 -18.02
N THR A 362 11.84 2.31 -16.84
CA THR A 362 12.68 1.29 -16.13
C THR A 362 11.92 -0.03 -16.22
N PHE A 363 12.61 -1.15 -16.22
CA PHE A 363 11.95 -2.47 -16.16
C PHE A 363 11.68 -2.85 -14.71
N MET A 364 10.40 -3.07 -14.42
CA MET A 364 9.87 -3.46 -13.09
C MET A 364 10.24 -2.40 -12.04
N GLY A 365 10.43 -1.14 -12.46
CA GLY A 365 10.89 -0.06 -11.57
C GLY A 365 12.32 -0.24 -11.09
N VAL A 366 13.07 -1.20 -11.63
CA VAL A 366 14.40 -1.64 -11.10
C VAL A 366 15.51 -1.34 -12.11
N ILE A 367 15.34 -1.71 -13.38
CA ILE A 367 16.43 -1.67 -14.40
C ILE A 367 16.22 -0.50 -15.35
N PRO A 368 17.11 0.52 -15.29
CA PRO A 368 17.07 1.66 -16.21
C PRO A 368 17.70 1.29 -17.55
N GLN A 369 17.24 1.93 -18.60
CA GLN A 369 17.84 1.83 -19.96
C GLN A 369 19.02 2.80 -20.06
N ARG A 370 19.98 2.51 -20.94
CA ARG A 370 21.16 3.37 -21.27
C ARG A 370 22.19 3.40 -20.13
N LEU A 371 21.94 2.68 -19.02
CA LEU A 371 22.94 2.53 -17.94
C LEU A 371 23.35 1.07 -17.88
N ASN A 372 24.60 0.79 -17.53
CA ASN A 372 25.13 -0.59 -17.36
C ASN A 372 25.24 -0.90 -15.87
N ASN A 373 24.58 -1.97 -15.41
CA ASN A 373 24.79 -2.52 -14.06
C ASN A 373 24.47 -1.45 -13.01
N ILE A 374 23.38 -0.74 -13.22
CA ILE A 374 22.76 0.16 -12.18
C ILE A 374 21.33 -0.35 -11.96
N TYR A 375 20.95 -0.44 -10.69
CA TYR A 375 19.64 -0.97 -10.26
C TYR A 375 19.03 -0.01 -9.25
N PHE A 376 17.71 0.10 -9.30
CA PHE A 376 16.91 0.96 -8.40
C PHE A 376 16.08 0.05 -7.49
N LEU A 377 16.17 0.30 -6.18
CA LEU A 377 15.56 -0.54 -5.15
C LEU A 377 14.77 0.37 -4.20
N GLY A 378 13.44 0.22 -4.16
CA GLY A 378 12.59 0.97 -3.23
C GLY A 378 11.82 2.10 -3.90
N TYR A 379 11.75 2.14 -5.23
CA TYR A 379 11.06 3.26 -5.92
C TYR A 379 9.72 2.82 -6.51
N THR A 380 9.33 1.58 -6.29
CA THR A 380 8.00 1.06 -6.63
C THR A 380 7.12 1.09 -5.38
N ARG A 381 5.91 1.60 -5.47
CA ARG A 381 5.03 1.80 -4.28
C ARG A 381 3.87 0.82 -4.40
N PRO A 382 3.55 0.07 -3.33
CA PRO A 382 2.41 -0.84 -3.34
C PRO A 382 1.09 -0.09 -3.20
N PHE A 383 0.08 -0.48 -3.97
CA PHE A 383 -1.31 0.07 -3.89
C PHE A 383 -1.83 -0.15 -2.48
N THR A 384 -1.65 -1.34 -1.94
CA THR A 384 -2.04 -1.73 -0.56
C THR A 384 -0.94 -2.61 0.03
N GLY A 385 -0.93 -2.71 1.35
CA GLY A 385 0.11 -3.42 2.10
C GLY A 385 1.40 -2.62 2.15
N GLY A 386 2.39 -3.20 2.83
CA GLY A 386 3.64 -2.50 3.12
C GLY A 386 4.60 -2.55 1.97
N LEU A 387 5.61 -1.70 2.07
CA LEU A 387 6.72 -1.65 1.12
C LEU A 387 7.48 -2.98 1.11
N ALA A 388 7.57 -3.66 2.28
CA ALA A 388 8.41 -4.87 2.44
C ALA A 388 8.13 -5.87 1.30
N ASN A 389 6.87 -6.09 0.96
CA ASN A 389 6.52 -7.09 -0.08
C ASN A 389 7.28 -6.73 -1.35
N ILE A 390 7.30 -5.45 -1.70
CA ILE A 390 7.90 -4.94 -2.95
C ILE A 390 9.43 -5.02 -2.87
N THR A 391 10.04 -4.44 -1.84
CA THR A 391 11.53 -4.37 -1.74
C THR A 391 12.12 -5.75 -1.49
N GLU A 392 11.43 -6.66 -0.81
CA GLU A 392 11.97 -8.02 -0.64
C GLU A 392 12.07 -8.69 -2.04
N MET A 393 11.04 -8.60 -2.86
CA MET A 393 11.07 -9.23 -4.19
C MET A 393 12.06 -8.49 -5.10
N GLN A 394 12.08 -7.16 -5.08
CA GLN A 394 13.10 -6.39 -5.84
C GLN A 394 14.50 -6.85 -5.44
N SER A 395 14.76 -7.06 -4.15
CA SER A 395 16.09 -7.45 -3.67
C SER A 395 16.49 -8.78 -4.29
N LEU A 396 15.53 -9.72 -4.40
CA LEU A 396 15.85 -11.07 -4.92
C LEU A 396 16.17 -10.92 -6.41
N PHE A 397 15.40 -10.12 -7.12
CA PHE A 397 15.62 -9.84 -8.56
C PHE A 397 17.01 -9.23 -8.77
N ILE A 398 17.34 -8.20 -7.99
CA ILE A 398 18.65 -7.51 -8.15
C ILE A 398 19.74 -8.51 -7.81
N HIS A 399 19.58 -9.29 -6.75
CA HIS A 399 20.63 -10.20 -6.30
C HIS A 399 20.94 -11.18 -7.44
N LYS A 400 19.90 -11.65 -8.13
CA LYS A 400 20.03 -12.66 -9.22
C LYS A 400 20.71 -12.03 -10.43
N LEU A 401 20.33 -10.80 -10.80
CA LEU A 401 20.97 -10.06 -11.92
C LEU A 401 22.44 -9.86 -11.61
N ILE A 402 22.80 -9.52 -10.37
CA ILE A 402 24.21 -9.22 -9.98
C ILE A 402 25.02 -10.52 -9.98
N THR A 403 24.51 -11.60 -9.39
CA THR A 403 25.31 -12.80 -9.06
C THR A 403 25.24 -13.85 -10.19
N GLN A 404 24.31 -13.75 -11.14
CA GLN A 404 24.11 -14.82 -12.17
C GLN A 404 24.12 -14.16 -13.54
N PRO A 405 25.31 -14.15 -14.20
CA PRO A 405 25.41 -13.56 -15.53
C PRO A 405 24.39 -14.12 -16.51
N GLN A 406 24.04 -15.40 -16.38
CA GLN A 406 23.04 -16.03 -17.29
C GLN A 406 21.70 -15.30 -17.16
N PHE A 407 21.30 -14.96 -15.93
CA PHE A 407 20.02 -14.27 -15.66
C PHE A 407 20.11 -12.83 -16.17
N HIS A 408 21.20 -12.16 -15.82
CA HIS A 408 21.50 -10.79 -16.31
C HIS A 408 21.35 -10.76 -17.83
N GLN A 409 21.99 -11.69 -18.54
CA GLN A 409 21.88 -11.76 -20.01
C GLN A 409 20.42 -11.93 -20.46
N LYS A 410 19.68 -12.86 -19.85
CA LYS A 410 18.30 -13.22 -20.29
C LYS A 410 17.38 -11.99 -20.21
N ILE A 411 17.51 -11.22 -19.13
CA ILE A 411 16.65 -10.03 -18.89
C ILE A 411 17.09 -8.87 -19.82
N HIS A 412 18.41 -8.66 -19.97
CA HIS A 412 18.96 -7.46 -20.68
C HIS A 412 18.86 -7.60 -22.22
N GLN A 413 19.00 -8.81 -22.76
CA GLN A 413 19.04 -9.06 -24.24
C GLN A 413 17.87 -8.31 -24.90
N ASN A 414 16.65 -8.44 -24.37
CA ASN A 414 15.45 -7.79 -24.97
C ASN A 414 14.85 -6.77 -23.98
N LEU A 415 15.67 -6.05 -23.22
CA LEU A 415 15.18 -5.16 -22.11
C LEU A 415 14.13 -4.19 -22.67
N SER A 416 14.45 -3.44 -23.74
CA SER A 416 13.53 -2.46 -24.37
C SER A 416 12.16 -3.10 -24.70
N LYS A 417 12.15 -4.31 -25.29
CA LYS A 417 10.88 -5.00 -25.66
C LYS A 417 10.11 -5.39 -24.39
N ARG A 418 10.82 -5.82 -23.33
CA ARG A 418 10.17 -6.20 -22.06
C ARG A 418 9.45 -4.96 -21.52
N ILE A 419 10.15 -3.84 -21.51
CA ILE A 419 9.60 -2.58 -20.95
C ILE A 419 8.38 -2.17 -21.80
N THR A 420 8.49 -2.22 -23.14
CA THR A 420 7.33 -1.90 -24.03
C THR A 420 6.15 -2.82 -23.67
N ALA A 421 6.37 -4.13 -23.55
CA ALA A 421 5.30 -5.13 -23.30
C ALA A 421 4.69 -4.86 -21.92
N TYR A 422 5.51 -4.57 -20.89
CA TYR A 422 5.00 -4.19 -19.54
C TYR A 422 4.08 -2.97 -19.60
N ASN A 423 4.50 -1.92 -20.29
CA ASN A 423 3.76 -0.64 -20.33
C ASN A 423 2.44 -0.84 -21.07
N GLN A 424 2.46 -1.63 -22.16
CA GLN A 424 1.24 -1.98 -22.94
C GLN A 424 0.23 -2.67 -22.03
N HIS A 425 0.66 -3.67 -21.26
CA HIS A 425 -0.21 -4.44 -20.35
C HIS A 425 -0.82 -3.52 -19.28
N TYR A 426 -0.02 -2.68 -18.65
CA TYR A 426 -0.39 -2.05 -17.36
C TYR A 426 -0.78 -0.57 -17.51
N TYR A 427 -0.28 0.14 -18.52
CA TYR A 427 -0.59 1.57 -18.77
C TYR A 427 -1.32 1.76 -20.12
N GLY A 428 -1.21 0.85 -21.08
CA GLY A 428 -1.80 1.07 -22.42
C GLY A 428 -1.30 2.38 -23.03
N ALA A 429 -2.21 3.26 -23.45
CA ALA A 429 -1.93 4.53 -24.15
C ALA A 429 -1.88 5.72 -23.17
N ALA A 430 -2.18 5.52 -21.89
CA ALA A 430 -2.14 6.60 -20.88
C ALA A 430 -0.78 7.29 -20.98
N LYS A 431 -0.74 8.62 -20.97
CA LYS A 431 0.52 9.40 -20.83
C LYS A 431 1.09 9.13 -19.43
N PRO A 432 2.43 9.24 -19.22
CA PRO A 432 3.01 9.07 -17.88
C PRO A 432 2.32 9.99 -16.85
N ARG A 433 2.15 9.47 -15.63
CA ARG A 433 1.54 10.15 -14.47
C ARG A 433 2.51 10.07 -13.31
N LYS A 434 2.47 11.05 -12.42
CA LYS A 434 3.38 11.13 -11.25
C LYS A 434 3.19 9.88 -10.37
N HIS A 435 2.04 9.21 -10.37
CA HIS A 435 1.83 7.95 -9.58
C HIS A 435 1.98 6.68 -10.43
N ASP A 436 2.67 6.71 -11.58
CA ASP A 436 2.93 5.49 -12.39
C ASP A 436 3.65 4.41 -11.55
N HIS A 437 4.38 4.82 -10.53
CA HIS A 437 5.22 3.93 -9.67
C HIS A 437 4.37 3.08 -8.71
N THR A 438 3.05 3.26 -8.67
CA THR A 438 2.16 2.56 -7.73
C THR A 438 1.59 1.33 -8.44
N VAL A 439 1.78 0.16 -7.84
CA VAL A 439 1.39 -1.15 -8.40
C VAL A 439 0.58 -1.94 -7.37
N PRO A 440 -0.38 -2.78 -7.83
CA PRO A 440 -1.00 -3.77 -6.95
C PRO A 440 0.08 -4.73 -6.47
N PHE A 441 0.22 -4.90 -5.15
CA PHE A 441 1.40 -5.62 -4.62
C PHE A 441 1.40 -7.04 -5.17
N GLY A 442 0.21 -7.65 -5.27
CA GLY A 442 0.03 -9.06 -5.59
C GLY A 442 0.20 -9.37 -7.07
N PHE A 443 0.12 -8.37 -7.93
CA PHE A 443 0.59 -8.47 -9.34
C PHE A 443 2.10 -8.32 -9.37
N TYR A 444 2.65 -7.32 -8.68
CA TYR A 444 4.12 -7.06 -8.74
C TYR A 444 4.93 -8.23 -8.17
N THR A 445 4.60 -8.74 -7.00
CA THR A 445 5.40 -9.82 -6.37
C THR A 445 5.39 -11.05 -7.29
N GLU A 446 4.20 -11.36 -7.81
CA GLU A 446 3.96 -12.49 -8.74
C GLU A 446 4.77 -12.27 -10.02
N ASP A 447 4.72 -11.06 -10.60
CA ASP A 447 5.53 -10.70 -11.81
C ASP A 447 7.03 -11.01 -11.58
N ILE A 448 7.60 -10.51 -10.49
CA ILE A 448 9.03 -10.76 -10.13
C ILE A 448 9.28 -12.27 -9.94
N ALA A 449 8.45 -12.92 -9.12
CA ALA A 449 8.52 -14.36 -8.85
C ALA A 449 8.62 -15.14 -10.18
N ARG A 450 7.82 -14.80 -11.19
CA ARG A 450 7.83 -15.48 -12.52
C ARG A 450 9.10 -15.14 -13.29
N LEU A 451 9.55 -13.89 -13.25
CA LEU A 451 10.83 -13.50 -13.87
C LEU A 451 11.97 -14.33 -13.24
N ILE A 452 11.99 -14.49 -11.92
CA ILE A 452 13.10 -15.18 -11.20
C ILE A 452 13.00 -16.70 -11.37
N GLY A 453 11.79 -17.24 -11.49
CA GLY A 453 11.49 -18.69 -11.51
C GLY A 453 11.15 -19.27 -10.14
N ILE A 454 10.70 -18.47 -9.17
CA ILE A 454 10.31 -18.96 -7.83
C ILE A 454 8.80 -18.90 -7.68
N HIS A 455 8.09 -18.70 -8.77
CA HIS A 455 6.62 -18.78 -8.85
C HIS A 455 6.15 -20.22 -8.61
N TYR A 456 4.86 -20.33 -8.37
CA TYR A 456 4.06 -21.57 -8.35
C TYR A 456 3.38 -21.68 -9.72
N GLN A 457 3.14 -22.92 -10.14
CA GLN A 457 2.42 -23.24 -11.40
C GLN A 457 1.02 -23.71 -11.04
N PRO A 458 -0.05 -23.10 -11.57
CA PRO A 458 -1.40 -23.49 -11.17
C PRO A 458 -1.71 -24.95 -11.56
N ASN A 459 -1.17 -25.41 -12.69
CA ASN A 459 -1.32 -26.81 -13.17
C ASN A 459 -0.70 -27.81 -12.18
N GLU A 460 0.18 -27.41 -11.23
CA GLU A 460 0.81 -28.35 -10.26
C GLU A 460 0.01 -28.44 -8.95
N CYS A 461 -1.08 -27.68 -8.81
CA CYS A 461 -2.08 -27.89 -7.74
C CYS A 461 -2.74 -29.27 -7.89
N ARG A 462 -2.76 -30.08 -6.80
CA ARG A 462 -3.30 -31.46 -6.72
C ARG A 462 -4.65 -31.50 -5.98
N SER A 463 -4.69 -30.92 -4.77
CA SER A 463 -5.89 -30.82 -3.89
C SER A 463 -6.55 -29.43 -3.95
N VAL A 464 -7.79 -29.35 -3.46
CA VAL A 464 -8.53 -28.07 -3.29
C VAL A 464 -7.67 -27.17 -2.39
N ARG A 465 -7.02 -27.75 -1.38
CA ARG A 465 -6.16 -27.04 -0.39
C ARG A 465 -5.07 -26.30 -1.15
N ASP A 466 -4.46 -26.96 -2.13
CA ASP A 466 -3.42 -26.38 -3.02
C ASP A 466 -4.02 -25.23 -3.82
N LEU A 467 -5.24 -25.38 -4.30
CA LEU A 467 -5.88 -24.25 -5.02
C LEU A 467 -6.07 -23.07 -4.05
N LEU A 468 -6.41 -23.30 -2.78
CA LEU A 468 -6.62 -22.19 -1.81
C LEU A 468 -5.29 -21.43 -1.73
N PHE A 469 -4.20 -22.19 -1.61
CA PHE A 469 -2.87 -21.62 -1.42
C PHE A 469 -2.49 -20.81 -2.64
N TYR A 470 -2.70 -21.35 -3.86
CA TYR A 470 -2.27 -20.69 -5.10
C TYR A 470 -3.11 -19.43 -5.31
N TYR A 471 -4.44 -19.54 -5.29
CA TYR A 471 -5.31 -18.40 -5.68
C TYR A 471 -5.62 -17.47 -4.50
N ALA A 472 -5.84 -17.97 -3.28
CA ALA A 472 -6.37 -17.09 -2.21
C ALA A 472 -5.32 -16.71 -1.16
N PHE A 473 -4.29 -17.51 -0.93
CA PHE A 473 -3.22 -17.11 0.02
C PHE A 473 -2.51 -15.89 -0.57
N PRO A 474 -2.43 -14.77 0.16
CA PRO A 474 -1.86 -13.54 -0.39
C PRO A 474 -0.45 -13.72 -0.95
N ASN A 475 -0.17 -13.03 -2.06
CA ASN A 475 1.16 -13.04 -2.73
C ASN A 475 2.16 -12.15 -1.96
N ASN A 476 2.29 -12.35 -0.65
CA ASN A 476 3.36 -11.73 0.17
C ASN A 476 4.70 -12.29 -0.31
N ALA A 477 5.78 -11.52 -0.16
CA ALA A 477 7.11 -11.95 -0.63
C ALA A 477 7.44 -13.31 -0.01
N PHE A 478 7.10 -13.56 1.26
CA PHE A 478 7.47 -14.82 1.95
C PHE A 478 6.76 -16.01 1.30
N LYS A 479 5.66 -15.82 0.57
CA LYS A 479 4.97 -16.92 -0.13
C LYS A 479 5.97 -17.60 -1.06
N TYR A 480 6.90 -16.82 -1.62
CA TYR A 480 7.80 -17.25 -2.70
C TYR A 480 9.14 -17.66 -2.12
N ARG A 481 9.25 -17.73 -0.80
CA ARG A 481 10.50 -18.11 -0.12
C ARG A 481 10.30 -19.41 0.68
N LEU A 482 9.29 -20.18 0.35
CA LEU A 482 8.98 -21.47 1.02
C LEU A 482 10.04 -22.50 0.59
N LYS A 483 10.27 -22.57 -0.70
CA LYS A 483 11.25 -23.51 -1.29
C LYS A 483 11.99 -22.84 -2.43
N GLY A 484 12.96 -23.56 -3.00
CA GLY A 484 13.70 -23.17 -4.20
C GLY A 484 14.78 -22.17 -3.89
N GLU A 485 15.17 -21.38 -4.89
CA GLU A 485 16.44 -20.61 -4.88
C GLU A 485 16.54 -19.70 -3.65
N TYR A 486 15.47 -19.06 -3.21
CA TYR A 486 15.52 -18.00 -2.16
C TYR A 486 14.76 -18.44 -0.89
N ALA A 487 14.73 -19.75 -0.63
CA ALA A 487 14.02 -20.29 0.53
C ALA A 487 14.62 -19.68 1.79
N VAL A 488 13.74 -19.32 2.72
CA VAL A 488 14.09 -18.81 4.07
C VAL A 488 13.62 -19.84 5.10
N ASP A 489 14.50 -20.27 5.99
CA ASP A 489 14.17 -21.24 7.06
C ASP A 489 12.99 -20.69 7.88
N GLY A 490 11.98 -21.52 8.10
CA GLY A 490 10.85 -21.24 9.00
C GLY A 490 9.62 -20.74 8.24
N VAL A 491 9.72 -20.56 6.91
CA VAL A 491 8.55 -20.11 6.10
C VAL A 491 7.46 -21.17 6.13
N ASP A 492 7.82 -22.45 6.24
CA ASP A 492 6.86 -23.58 6.35
C ASP A 492 5.92 -23.35 7.53
N GLU A 493 6.49 -23.18 8.72
CA GLU A 493 5.76 -22.99 9.99
C GLU A 493 4.96 -21.68 9.90
N LEU A 494 5.53 -20.64 9.25
CA LEU A 494 4.86 -19.33 9.13
C LEU A 494 3.61 -19.51 8.28
N ILE A 495 3.72 -20.10 7.11
CA ILE A 495 2.54 -20.33 6.24
C ILE A 495 1.50 -21.16 6.99
N GLN A 496 1.92 -22.15 7.75
CA GLN A 496 0.96 -23.00 8.51
C GLN A 496 0.18 -22.14 9.51
N LYS A 497 0.89 -21.33 10.31
CA LYS A 497 0.30 -20.41 11.31
C LYS A 497 -0.72 -19.50 10.60
N VAL A 498 -0.29 -18.82 9.54
CA VAL A 498 -1.19 -17.91 8.79
C VAL A 498 -2.41 -18.68 8.33
N ASN A 499 -2.23 -19.85 7.72
CA ASN A 499 -3.38 -20.62 7.19
C ASN A 499 -4.34 -20.98 8.34
N ASP A 500 -3.83 -21.44 9.47
CA ASP A 500 -4.69 -21.91 10.61
C ASP A 500 -5.46 -20.72 11.19
N LYS A 501 -4.85 -19.54 11.26
CA LYS A 501 -5.49 -18.29 11.74
C LYS A 501 -6.55 -17.78 10.74
N HIS A 502 -6.51 -18.12 9.45
CA HIS A 502 -7.44 -17.51 8.44
C HIS A 502 -8.28 -18.54 7.70
N ASP A 503 -8.43 -19.75 8.24
CA ASP A 503 -9.21 -20.84 7.60
C ASP A 503 -8.70 -21.10 6.17
N HIS A 504 -7.39 -21.05 5.93
CA HIS A 504 -6.78 -21.37 4.60
C HIS A 504 -7.28 -20.39 3.53
N TYR A 505 -7.77 -19.21 3.91
CA TYR A 505 -8.31 -18.17 2.99
C TYR A 505 -9.50 -18.71 2.20
N ALA A 506 -10.24 -19.64 2.79
CA ALA A 506 -11.43 -20.24 2.15
C ALA A 506 -12.46 -19.14 1.85
N GLN A 507 -12.69 -18.18 2.77
CA GLN A 507 -13.70 -17.12 2.55
C GLN A 507 -13.34 -16.32 1.30
N VAL A 508 -12.06 -15.99 1.15
CA VAL A 508 -11.56 -15.19 -0.01
C VAL A 508 -11.82 -15.96 -1.32
N PHE A 509 -11.46 -17.22 -1.34
CA PHE A 509 -11.66 -18.12 -2.51
C PHE A 509 -13.15 -18.14 -2.89
N VAL A 510 -14.02 -18.29 -1.89
CA VAL A 510 -15.50 -18.40 -2.09
C VAL A 510 -16.02 -17.09 -2.70
N GLN A 511 -15.41 -15.94 -2.37
CA GLN A 511 -15.82 -14.62 -2.92
C GLN A 511 -15.81 -14.66 -4.45
N ALA A 512 -14.73 -15.16 -5.03
CA ALA A 512 -14.49 -15.22 -6.50
C ALA A 512 -15.51 -16.17 -7.13
N LEU A 513 -15.76 -17.30 -6.47
CA LEU A 513 -16.76 -18.31 -6.92
C LEU A 513 -18.10 -17.61 -7.08
N SER A 514 -18.50 -16.86 -6.06
CA SER A 514 -19.85 -16.27 -5.91
C SER A 514 -20.14 -15.28 -7.05
N ILE A 515 -19.12 -14.72 -7.70
CA ILE A 515 -19.36 -13.60 -8.68
C ILE A 515 -18.95 -14.02 -10.09
N ARG A 516 -18.56 -15.28 -10.30
CA ARG A 516 -18.07 -15.76 -11.63
C ARG A 516 -19.13 -15.51 -12.73
N ASN A 517 -20.41 -15.53 -12.36
CA ASN A 517 -21.56 -15.48 -13.29
C ASN A 517 -22.21 -14.09 -13.32
N MET A 518 -21.81 -13.16 -12.44
CA MET A 518 -22.46 -11.83 -12.32
C MET A 518 -21.84 -10.84 -13.31
N ASN A 519 -22.61 -9.81 -13.71
CA ASN A 519 -22.01 -8.63 -14.38
C ASN A 519 -21.53 -7.69 -13.27
N SER A 520 -20.79 -6.65 -13.62
CA SER A 520 -20.12 -5.74 -12.65
C SER A 520 -21.17 -5.03 -11.77
N ASP A 521 -22.34 -4.68 -12.33
CA ASP A 521 -23.41 -3.97 -11.57
C ASP A 521 -24.00 -4.95 -10.54
N GLU A 522 -24.22 -6.20 -10.91
CA GLU A 522 -24.76 -7.24 -9.99
C GLU A 522 -23.75 -7.49 -8.87
N ALA A 523 -22.46 -7.60 -9.22
CA ALA A 523 -21.35 -7.83 -8.28
C ALA A 523 -21.26 -6.65 -7.31
N ALA A 524 -21.38 -5.43 -7.81
CA ALA A 524 -21.33 -4.18 -7.01
C ALA A 524 -22.47 -4.17 -6.01
N GLU A 525 -23.70 -4.49 -6.45
CA GLU A 525 -24.87 -4.56 -5.52
C GLU A 525 -24.62 -5.67 -4.52
N TRP A 526 -24.19 -6.84 -5.00
CA TRP A 526 -23.95 -8.02 -4.13
C TRP A 526 -22.89 -7.67 -3.06
N ASP A 527 -21.82 -6.99 -3.46
CA ASP A 527 -20.69 -6.56 -2.58
C ASP A 527 -21.23 -5.70 -1.44
N HIS A 528 -22.27 -4.91 -1.71
CA HIS A 528 -22.80 -3.89 -0.76
C HIS A 528 -24.08 -4.43 -0.10
N SER A 529 -24.39 -5.71 -0.29
CA SER A 529 -25.63 -6.36 0.23
C SER A 529 -25.48 -6.83 1.68
N ALA A 530 -24.29 -6.73 2.27
CA ALA A 530 -24.03 -7.15 3.68
C ALA A 530 -24.52 -6.09 4.67
N ARG A 531 -24.74 -6.49 5.94
CA ARG A 531 -25.04 -5.64 7.12
C ARG A 531 -23.93 -4.60 7.33
N ARG A 532 -22.69 -5.03 7.13
CA ARG A 532 -21.49 -4.16 7.13
C ARG A 532 -20.65 -4.60 5.96
N PHE A 533 -20.58 -3.80 4.91
CA PHE A 533 -19.72 -4.15 3.75
C PHE A 533 -18.31 -3.65 4.08
N SER A 534 -17.37 -4.08 3.26
CA SER A 534 -15.91 -3.95 3.54
C SER A 534 -15.50 -2.50 3.76
N PHE A 535 -15.84 -1.63 2.82
CA PHE A 535 -15.19 -0.30 2.68
C PHE A 535 -16.23 0.83 2.72
N ASN A 536 -15.98 1.81 3.60
CA ASN A 536 -16.69 3.11 3.61
C ASN A 536 -18.19 2.90 3.86
N ASP A 537 -18.53 2.03 4.83
CA ASP A 537 -19.94 1.74 5.18
C ASP A 537 -20.37 2.79 6.19
N MET A 538 -21.16 3.77 5.72
CA MET A 538 -21.57 4.94 6.54
C MET A 538 -22.71 4.56 7.51
N ARG A 539 -23.18 3.31 7.56
CA ARG A 539 -24.18 2.90 8.58
C ARG A 539 -23.51 2.65 9.93
N HIS A 540 -22.17 2.54 9.96
CA HIS A 540 -21.41 2.16 11.19
C HIS A 540 -20.58 3.33 11.68
N LYS A 541 -21.19 4.52 11.75
CA LYS A 541 -20.56 5.77 12.25
C LYS A 541 -21.39 6.31 13.41
N GLU A 542 -22.70 6.54 13.24
CA GLU A 542 -23.53 7.26 14.26
C GLU A 542 -23.45 6.56 15.63
N GLY A 543 -23.54 5.23 15.66
CA GLY A 543 -23.43 4.38 16.87
C GLY A 543 -22.12 4.54 17.63
N TYR A 544 -21.07 5.07 17.00
CA TYR A 544 -19.76 5.26 17.66
C TYR A 544 -19.53 6.74 18.02
N ARG A 545 -20.57 7.58 18.03
CA ARG A 545 -20.40 9.02 18.41
C ARG A 545 -19.98 9.14 19.87
N ALA A 546 -20.52 8.35 20.79
CA ALA A 546 -20.12 8.47 22.22
C ALA A 546 -18.69 7.95 22.39
N PHE A 547 -18.31 6.87 21.70
CA PHE A 547 -16.95 6.31 21.77
C PHE A 547 -15.96 7.39 21.28
N LEU A 548 -16.32 8.08 20.19
CA LEU A 548 -15.49 9.17 19.63
C LEU A 548 -15.20 10.23 20.71
N ASP A 549 -16.14 10.55 21.61
CA ASP A 549 -15.92 11.63 22.61
C ASP A 549 -15.03 11.07 23.71
N THR A 550 -15.18 9.79 24.01
CA THR A 550 -14.26 9.03 24.89
C THR A 550 -12.86 9.11 24.26
N TYR A 551 -12.78 8.82 22.97
CA TYR A 551 -11.49 8.82 22.23
C TYR A 551 -10.85 10.22 22.33
N LEU A 552 -11.58 11.28 21.97
CA LEU A 552 -11.01 12.65 21.94
C LEU A 552 -10.50 13.02 23.34
N LYS A 553 -11.23 12.61 24.38
CA LYS A 553 -10.85 12.87 25.80
C LYS A 553 -9.54 12.15 26.12
N ALA A 554 -9.44 10.89 25.70
CA ALA A 554 -8.25 10.04 25.97
C ALA A 554 -7.07 10.61 25.19
N TYR A 555 -7.26 11.04 23.95
CA TYR A 555 -6.16 11.61 23.14
C TYR A 555 -5.56 12.82 23.87
N ARG A 556 -6.43 13.73 24.31
CA ARG A 556 -6.04 15.01 24.95
C ARG A 556 -5.28 14.75 26.25
N GLN A 557 -5.75 13.80 27.05
CA GLN A 557 -5.08 13.35 28.29
C GLN A 557 -3.66 12.87 27.95
N VAL A 558 -3.53 12.02 26.93
CA VAL A 558 -2.22 11.40 26.53
C VAL A 558 -1.25 12.53 26.18
N GLU A 559 -1.74 13.50 25.40
CA GLU A 559 -0.94 14.61 24.80
C GLU A 559 -0.85 15.83 25.73
N ASN A 560 -1.50 15.81 26.89
CA ASN A 560 -1.61 17.00 27.79
C ASN A 560 -2.07 18.20 26.98
N ILE A 561 -3.28 18.14 26.42
CA ILE A 561 -3.97 19.31 25.81
C ILE A 561 -5.27 19.51 26.58
N SER A 562 -5.58 20.76 26.93
CA SER A 562 -6.95 21.20 27.28
C SER A 562 -7.48 22.01 26.10
N VAL A 563 -8.69 21.68 25.64
CA VAL A 563 -9.48 22.47 24.65
C VAL A 563 -10.89 22.51 25.24
N ASP A 564 -11.64 23.58 25.00
CA ASP A 564 -12.96 23.77 25.67
C ASP A 564 -14.04 23.49 24.63
N ASP A 565 -14.67 22.30 24.71
CA ASP A 565 -15.76 21.88 23.77
C ASP A 565 -17.00 22.74 24.05
N THR A 566 -17.12 23.31 25.26
CA THR A 566 -18.22 24.25 25.62
C THR A 566 -18.05 25.58 24.88
N VAL A 567 -16.85 25.91 24.35
CA VAL A 567 -16.71 26.96 23.30
C VAL A 567 -17.10 26.29 21.98
N VAL A 568 -17.99 26.92 21.21
CA VAL A 568 -18.66 26.31 20.03
C VAL A 568 -18.41 27.22 18.84
N ASP A 569 -17.78 26.67 17.83
CA ASP A 569 -17.46 27.36 16.57
C ASP A 569 -18.75 27.45 15.75
N GLU A 570 -19.54 28.50 15.93
CA GLU A 570 -20.86 28.59 15.25
C GLU A 570 -20.75 28.68 13.71
N GLU A 571 -19.71 29.29 13.16
CA GLU A 571 -19.55 29.49 11.69
C GLU A 571 -19.18 28.15 11.03
N TRP A 572 -18.46 27.29 11.75
CA TRP A 572 -18.14 25.95 11.18
C TRP A 572 -19.43 25.12 11.06
N ASN A 573 -20.24 25.07 12.13
CA ASN A 573 -21.54 24.34 12.16
C ASN A 573 -22.27 24.72 10.85
N PHE A 574 -22.21 25.98 10.44
CA PHE A 574 -22.97 26.47 9.26
C PHE A 574 -22.37 25.92 7.96
N MET A 575 -21.04 25.77 7.85
CA MET A 575 -20.39 25.32 6.58
C MET A 575 -20.62 23.80 6.41
N VAL A 576 -20.66 23.08 7.52
CA VAL A 576 -20.92 21.61 7.56
C VAL A 576 -22.29 21.34 6.92
N LYS A 577 -23.33 22.08 7.36
CA LYS A 577 -24.70 21.95 6.78
C LYS A 577 -24.63 21.98 5.26
N GLU A 578 -23.92 22.94 4.70
CA GLU A 578 -23.86 23.15 3.22
C GLU A 578 -23.14 21.97 2.56
N ALA A 579 -22.01 21.55 3.14
CA ALA A 579 -21.15 20.49 2.54
C ALA A 579 -21.91 19.15 2.53
N CYS A 580 -22.84 18.96 3.47
CA CYS A 580 -23.46 17.62 3.73
C CYS A 580 -24.90 17.61 3.22
N GLN A 581 -25.22 18.38 2.18
CA GLN A 581 -26.60 18.49 1.65
C GLN A 581 -26.97 17.16 0.95
N VAL A 582 -26.10 16.60 0.11
CA VAL A 582 -26.35 15.27 -0.54
C VAL A 582 -26.48 14.19 0.54
N ARG A 583 -25.63 14.17 1.58
CA ARG A 583 -25.74 13.13 2.65
C ARG A 583 -27.12 13.24 3.36
N ASP A 584 -27.63 14.45 3.58
CA ASP A 584 -28.88 14.68 4.36
C ASP A 584 -30.09 14.23 3.53
N LYS A 585 -29.96 14.16 2.20
CA LYS A 585 -30.95 13.60 1.23
C LYS A 585 -30.75 12.08 1.03
N VAL A 586 -29.52 11.61 0.78
CA VAL A 586 -29.21 10.19 0.37
C VAL A 586 -29.37 9.25 1.58
N ALA A 587 -28.92 9.65 2.79
CA ALA A 587 -28.78 8.74 3.96
C ALA A 587 -30.15 8.28 4.47
N PRO A 588 -31.21 9.13 4.47
CA PRO A 588 -32.59 8.69 4.79
C PRO A 588 -33.15 7.50 3.97
N ASN A 589 -32.52 7.15 2.84
CA ASN A 589 -32.97 6.08 1.89
C ASN A 589 -32.33 4.72 2.20
N ILE A 590 -31.61 4.58 3.34
CA ILE A 590 -30.90 3.32 3.70
C ILE A 590 -31.94 2.26 4.12
N LYS A 598 -25.80 -12.01 0.80
CA LYS A 598 -24.35 -12.30 0.66
C LYS A 598 -23.95 -13.32 1.74
N ASP A 599 -23.89 -12.89 3.01
CA ASP A 599 -23.31 -13.68 4.14
C ASP A 599 -23.94 -15.08 4.20
N GLU A 600 -25.23 -15.18 3.85
CA GLU A 600 -25.94 -16.46 3.68
C GLU A 600 -25.08 -17.37 2.80
N ASP A 601 -24.93 -16.99 1.53
CA ASP A 601 -24.21 -17.75 0.46
C ASP A 601 -22.77 -18.02 0.90
N VAL A 602 -22.03 -16.94 1.21
CA VAL A 602 -20.58 -16.98 1.54
C VAL A 602 -20.37 -18.08 2.58
N ASN A 603 -21.23 -18.11 3.60
CA ASN A 603 -21.11 -19.01 4.78
C ASN A 603 -21.27 -20.47 4.32
N LYS A 604 -22.18 -20.72 3.39
CA LYS A 604 -22.47 -22.07 2.85
C LYS A 604 -21.37 -22.44 1.84
N GLY A 605 -20.84 -21.46 1.12
CA GLY A 605 -19.64 -21.63 0.27
C GLY A 605 -18.45 -22.14 1.08
N ILE A 606 -18.15 -21.48 2.20
CA ILE A 606 -17.00 -21.85 3.08
C ILE A 606 -17.16 -23.30 3.54
N ARG A 607 -18.36 -23.71 3.99
CA ARG A 607 -18.54 -25.10 4.53
C ARG A 607 -18.32 -26.12 3.40
N LEU A 608 -18.87 -25.87 2.20
CA LEU A 608 -18.61 -26.69 0.99
C LEU A 608 -17.08 -26.82 0.80
N ILE A 609 -16.36 -25.70 0.70
CA ILE A 609 -14.92 -25.72 0.35
C ILE A 609 -14.14 -26.44 1.46
N LEU A 610 -14.36 -26.09 2.72
CA LEU A 610 -13.61 -26.66 3.87
C LEU A 610 -13.88 -28.17 3.97
N SER A 611 -14.91 -28.68 3.29
CA SER A 611 -15.32 -30.12 3.31
C SER A 611 -14.69 -30.89 2.15
N ILE A 612 -14.14 -30.21 1.14
CA ILE A 612 -13.44 -30.89 0.01
C ILE A 612 -11.97 -30.45 0.00
N LEU A 613 -11.45 -29.99 1.14
CA LEU A 613 -10.05 -29.47 1.28
C LEU A 613 -9.08 -30.46 0.65
N ASP A 614 -9.19 -31.73 1.01
CA ASP A 614 -8.19 -32.76 0.62
C ASP A 614 -8.65 -33.48 -0.64
N SER A 615 -9.70 -33.04 -1.33
CA SER A 615 -10.18 -33.65 -2.60
C SER A 615 -9.23 -33.38 -3.77
N ASP A 616 -9.05 -34.39 -4.62
CA ASP A 616 -8.24 -34.27 -5.86
C ASP A 616 -8.99 -33.41 -6.87
N ILE A 617 -8.34 -32.38 -7.44
CA ILE A 617 -8.99 -31.42 -8.39
C ILE A 617 -9.35 -32.11 -9.72
N SER A 618 -8.37 -32.73 -10.37
CA SER A 618 -8.47 -33.18 -11.79
C SER A 618 -9.62 -34.19 -11.94
N SER A 619 -9.90 -34.92 -10.85
CA SER A 619 -10.86 -36.04 -10.76
C SER A 619 -12.24 -35.54 -10.30
N LEU A 620 -12.40 -34.27 -9.96
CA LEU A 620 -13.73 -33.72 -9.56
C LEU A 620 -14.75 -34.06 -10.64
N PRO A 621 -15.95 -34.52 -10.25
CA PRO A 621 -16.97 -34.98 -11.22
C PRO A 621 -17.58 -33.81 -12.01
N ASP A 622 -18.13 -34.12 -13.19
CA ASP A 622 -18.88 -33.16 -14.05
C ASP A 622 -20.21 -32.87 -13.36
N SER A 623 -20.95 -31.85 -13.83
CA SER A 623 -22.24 -31.33 -13.29
C SER A 623 -22.07 -30.94 -11.82
N PHE A 641 -25.80 -23.57 -7.94
CA PHE A 641 -24.49 -23.09 -7.44
C PHE A 641 -23.54 -24.29 -7.31
N GLU A 642 -23.84 -25.19 -6.36
CA GLU A 642 -22.92 -26.20 -5.78
C GLU A 642 -22.31 -27.09 -6.87
N ALA A 643 -23.02 -27.34 -7.98
CA ALA A 643 -22.59 -28.24 -9.07
C ALA A 643 -21.63 -27.52 -10.03
N GLN A 644 -21.99 -26.30 -10.44
CA GLN A 644 -21.21 -25.55 -11.48
C GLN A 644 -19.97 -24.91 -10.83
N SER A 645 -20.00 -24.64 -9.53
CA SER A 645 -18.86 -24.11 -8.76
C SER A 645 -17.75 -25.18 -8.72
N ILE A 646 -18.13 -26.46 -8.73
CA ILE A 646 -17.18 -27.62 -8.79
C ILE A 646 -16.45 -27.61 -10.15
N GLU A 647 -17.18 -27.46 -11.26
CA GLU A 647 -16.59 -27.41 -12.62
C GLU A 647 -15.57 -26.26 -12.68
N PHE A 648 -15.97 -25.03 -12.31
CA PHE A 648 -15.14 -23.80 -12.32
C PHE A 648 -13.85 -24.06 -11.54
N ILE A 649 -13.98 -24.73 -10.39
CA ILE A 649 -12.83 -25.08 -9.50
C ILE A 649 -11.88 -25.98 -10.30
N ARG A 650 -12.41 -26.90 -11.09
CA ARG A 650 -11.61 -27.85 -11.91
C ARG A 650 -10.86 -27.06 -12.98
N ARG A 651 -11.49 -26.05 -13.59
CA ARG A 651 -10.87 -25.18 -14.63
C ARG A 651 -9.71 -24.35 -14.04
N LEU A 652 -9.63 -24.16 -12.73
CA LEU A 652 -8.55 -23.34 -12.11
C LEU A 652 -7.17 -23.97 -12.31
N LEU A 653 -7.10 -25.24 -12.74
CA LEU A 653 -5.82 -25.87 -13.19
C LEU A 653 -5.36 -25.32 -14.53
N GLN A 654 -6.21 -24.67 -15.32
CA GLN A 654 -5.83 -24.21 -16.69
C GLN A 654 -6.39 -22.81 -16.94
N PRO A 655 -5.90 -21.82 -16.15
CA PRO A 655 -6.31 -20.43 -16.36
C PRO A 655 -5.95 -20.01 -17.79
N LYS A 656 -6.85 -19.27 -18.45
CA LYS A 656 -6.70 -18.88 -19.87
C LYS A 656 -6.13 -17.47 -20.02
N ASN A 657 -5.95 -16.70 -18.94
CA ASN A 657 -5.34 -15.34 -19.02
C ASN A 657 -4.01 -15.34 -18.25
N TYR A 658 -3.18 -16.37 -18.44
CA TYR A 658 -1.91 -16.57 -17.69
C TYR A 658 -0.78 -15.75 -18.34
N GLU A 659 -0.88 -15.47 -19.64
CA GLU A 659 0.29 -14.97 -20.40
C GLU A 659 0.71 -13.60 -19.87
N LEU A 660 2.01 -13.38 -19.71
CA LEU A 660 2.53 -12.01 -19.47
C LEU A 660 3.70 -11.85 -20.43
N LEU A 661 3.55 -10.97 -21.42
CA LEU A 661 4.43 -10.93 -22.60
C LEU A 661 5.79 -10.33 -22.21
N PHE A 662 5.84 -9.55 -21.13
CA PHE A 662 7.11 -8.98 -20.62
C PHE A 662 7.95 -10.07 -19.97
N ILE A 663 7.43 -11.28 -19.76
CA ILE A 663 8.22 -12.39 -19.14
C ILE A 663 8.59 -13.43 -20.21
N ARG A 664 7.60 -13.94 -20.95
CA ARG A 664 7.79 -14.78 -22.17
C ARG A 664 8.43 -13.94 -23.29
#